data_7BYW
#
_entry.id   7BYW
#
_cell.length_a   68.398
_cell.length_b   68.398
_cell.length_c   69.102
_cell.angle_alpha   90.000
_cell.angle_beta   90.000
_cell.angle_gamma   120.000
#
_symmetry.space_group_name_H-M   'P 31'
#
loop_
_entity.id
_entity.type
_entity.pdbx_description
1 polymer 'L-fucose mutarotase'
2 non-polymer 2-(2-{2-[2-(2-METHOXY-ETHOXY)-ETHOXY]-ETHOXY}-ETHOXY)-ETHANOL
3 non-polymer alpha-L-fucopyranose
4 water water
#
_entity_poly.entity_id   1
_entity_poly.type   'polypeptide(L)'
_entity_poly.pdbx_seq_one_letter_code
;MRGSHHHHHHSGQRMGMVIGIKPEHIDEYKRLHAAVWPAVLARLAEAHVRNYSIFLREPENLLFGYWEYHGTDYAADMEA
IAQDPETRRWWTFCGPCQEPLASRQPGEHWAHMEEVFHVD
;
_entity_poly.pdbx_strand_id   A,B
#
loop_
_chem_comp.id
_chem_comp.type
_chem_comp.name
_chem_comp.formula
1PG non-polymer 2-(2-{2-[2-(2-METHOXY-ETHOXY)-ETHOXY]-ETHOXY}-ETHOXY)-ETHANOL 'C11 H24 O6'
FUC L-saccharide, alpha linking alpha-L-fucopyranose 'C6 H12 O5'
#
# COMPACT_ATOMS: atom_id res chain seq x y z
N GLN A 13 -13.82 5.22 -3.33
CA GLN A 13 -12.63 5.31 -4.20
C GLN A 13 -11.33 5.15 -3.39
N ARG A 14 -10.55 4.12 -3.70
CA ARG A 14 -9.31 3.81 -3.01
C ARG A 14 -8.12 4.25 -3.87
N MET A 15 -7.04 4.67 -3.22
CA MET A 15 -5.83 5.04 -3.94
C MET A 15 -4.60 4.50 -3.22
N GLY A 16 -3.66 3.99 -4.02
CA GLY A 16 -2.36 3.58 -3.52
C GLY A 16 -1.31 4.40 -4.24
N MET A 17 -0.28 4.80 -3.50
CA MET A 17 0.75 5.64 -4.07
C MET A 17 2.07 5.25 -3.43
N VAL A 18 3.17 5.58 -4.10
CA VAL A 18 4.49 5.08 -3.72
C VAL A 18 5.55 6.16 -3.94
N ILE A 19 6.50 6.22 -3.01
CA ILE A 19 7.64 7.13 -3.10
C ILE A 19 8.82 6.48 -2.40
N GLY A 20 10.04 6.91 -2.78
CA GLY A 20 11.21 6.44 -2.06
C GLY A 20 11.46 7.23 -0.79
N ILE A 21 12.25 6.63 0.10
CA ILE A 21 12.73 7.34 1.30
C ILE A 21 14.25 7.21 1.38
N LYS A 22 14.92 8.26 1.85
CA LYS A 22 16.36 8.20 2.05
C LYS A 22 16.67 7.52 3.38
N PRO A 23 17.48 6.45 3.40
CA PRO A 23 17.65 5.70 4.65
C PRO A 23 18.19 6.52 5.79
N GLU A 24 19.07 7.50 5.51
CA GLU A 24 19.58 8.38 6.55
C GLU A 24 18.52 9.30 7.15
N HIS A 25 17.33 9.41 6.54
CA HIS A 25 16.26 10.25 7.07
C HIS A 25 15.06 9.44 7.55
N ILE A 26 15.18 8.12 7.67
CA ILE A 26 14.02 7.31 8.07
C ILE A 26 13.58 7.64 9.49
N ASP A 27 14.54 7.82 10.41
CA ASP A 27 14.16 8.09 11.80
C ASP A 27 13.49 9.45 11.92
N GLU A 28 14.01 10.45 11.19
CA GLU A 28 13.39 11.76 11.18
C GLU A 28 11.99 11.71 10.61
N TYR A 29 11.80 10.94 9.53
CA TYR A 29 10.46 10.83 8.93
C TYR A 29 9.48 10.19 9.90
N LYS A 30 9.90 9.12 10.58
CA LYS A 30 9.04 8.49 11.57
C LYS A 30 8.70 9.45 12.71
N ARG A 31 9.69 10.21 13.19
CA ARG A 31 9.45 11.18 14.25
C ARG A 31 8.42 12.22 13.82
N LEU A 32 8.59 12.78 12.62
CA LEU A 32 7.63 13.74 12.10
C LEU A 32 6.22 13.15 12.08
N HIS A 33 6.09 11.90 11.65
CA HIS A 33 4.75 11.33 11.50
C HIS A 33 4.18 10.78 12.80
N ALA A 34 4.95 10.81 13.88
CA ALA A 34 4.35 10.52 15.18
C ALA A 34 3.46 11.66 15.66
N ALA A 35 3.51 12.83 15.03
CA ALA A 35 2.72 13.98 15.46
C ALA A 35 2.53 14.92 14.27
N VAL A 36 1.75 14.46 13.27
CA VAL A 36 1.52 15.27 12.09
C VAL A 36 0.73 16.52 12.47
N TRP A 37 1.14 17.66 11.91
CA TRP A 37 0.57 18.95 12.32
C TRP A 37 -0.95 18.97 12.14
N PRO A 38 -1.71 19.45 13.14
CA PRO A 38 -3.17 19.45 13.00
C PRO A 38 -3.68 20.20 11.77
N ALA A 39 -3.02 21.27 11.36
CA ALA A 39 -3.45 21.98 10.16
C ALA A 39 -3.35 21.10 8.93
N VAL A 40 -2.30 20.27 8.87
CA VAL A 40 -2.11 19.36 7.74
C VAL A 40 -3.23 18.33 7.71
N LEU A 41 -3.55 17.74 8.87
CA LEU A 41 -4.57 16.71 8.92
C LEU A 41 -5.95 17.28 8.62
N ALA A 42 -6.24 18.49 9.10
CA ALA A 42 -7.55 19.10 8.85
C ALA A 42 -7.73 19.40 7.37
N ARG A 43 -6.68 19.92 6.73
CA ARG A 43 -6.72 20.17 5.30
C ARG A 43 -6.91 18.87 4.52
N LEU A 44 -6.36 17.76 5.00
CA LEU A 44 -6.60 16.47 4.35
C LEU A 44 -8.04 16.02 4.53
N ALA A 45 -8.59 16.19 5.74
CA ALA A 45 -9.98 15.79 5.95
C ALA A 45 -10.93 16.65 5.14
N GLU A 46 -10.60 17.93 4.97
CA GLU A 46 -11.45 18.84 4.20
C GLU A 46 -11.43 18.50 2.72
N ALA A 47 -10.37 17.86 2.24
CA ALA A 47 -10.31 17.37 0.87
C ALA A 47 -10.86 15.96 0.72
N HIS A 48 -11.58 15.46 1.72
CA HIS A 48 -12.34 14.22 1.68
C HIS A 48 -11.44 12.98 1.67
N VAL A 49 -10.23 13.09 2.20
CA VAL A 49 -9.32 11.96 2.36
C VAL A 49 -9.59 11.33 3.72
N ARG A 50 -9.83 10.02 3.74
CA ARG A 50 -10.10 9.28 4.97
C ARG A 50 -9.31 7.97 4.97
N ASN A 51 -9.18 7.38 6.16
CA ASN A 51 -8.54 6.07 6.34
C ASN A 51 -7.19 6.01 5.62
N TYR A 52 -6.32 6.96 5.96
CA TYR A 52 -5.06 7.19 5.25
C TYR A 52 -3.91 6.62 6.07
N SER A 53 -3.20 5.62 5.52
CA SER A 53 -2.03 5.05 6.17
C SER A 53 -0.81 5.18 5.28
N ILE A 54 0.37 5.26 5.90
CA ILE A 54 1.63 5.16 5.20
C ILE A 54 2.46 4.04 5.81
N PHE A 55 2.99 3.17 4.95
CA PHE A 55 3.81 2.02 5.31
C PHE A 55 5.22 2.18 4.77
N LEU A 56 6.18 1.68 5.54
CA LEU A 56 7.59 1.73 5.19
C LEU A 56 8.15 0.35 4.95
N ARG A 57 8.89 0.16 3.87
CA ARG A 57 9.61 -1.09 3.62
C ARG A 57 11.11 -0.82 3.66
N GLU A 58 11.78 -1.39 4.65
CA GLU A 58 13.22 -1.58 4.63
C GLU A 58 13.53 -3.03 4.30
N PRO A 59 14.57 -3.33 3.51
CA PRO A 59 15.59 -2.37 3.06
C PRO A 59 15.36 -1.72 1.71
N GLU A 60 14.22 -1.97 1.05
CA GLU A 60 14.03 -1.37 -0.27
C GLU A 60 13.82 0.13 -0.21
N ASN A 61 13.54 0.67 0.97
CA ASN A 61 13.39 2.11 1.19
C ASN A 61 12.28 2.70 0.33
N LEU A 62 11.10 2.12 0.51
CA LEU A 62 9.89 2.52 -0.18
C LEU A 62 8.82 2.86 0.85
N LEU A 63 8.05 3.91 0.55
CA LEU A 63 6.87 4.29 1.31
C LEU A 63 5.64 4.01 0.46
N PHE A 64 4.65 3.35 1.06
CA PHE A 64 3.38 3.03 0.41
CA PHE A 64 3.39 3.08 0.39
C PHE A 64 2.28 3.78 1.14
N GLY A 65 1.56 4.64 0.42
CA GLY A 65 0.40 5.35 0.97
C GLY A 65 -0.88 4.73 0.47
N TYR A 66 -1.84 4.60 1.38
CA TYR A 66 -3.17 4.12 1.05
C TYR A 66 -4.19 5.08 1.65
N TRP A 67 -5.18 5.50 0.85
CA TRP A 67 -6.29 6.27 1.41
C TRP A 67 -7.57 6.04 0.62
N GLU A 68 -8.67 6.40 1.24
CA GLU A 68 -10.00 6.32 0.63
C GLU A 68 -10.53 7.74 0.44
N TYR A 69 -10.77 8.11 -0.82
CA TYR A 69 -11.16 9.47 -1.19
C TYR A 69 -12.66 9.51 -1.41
N HIS A 70 -13.38 10.27 -0.56
CA HIS A 70 -14.83 10.40 -0.61
C HIS A 70 -15.28 11.66 -1.33
N GLY A 71 -14.41 12.27 -2.14
CA GLY A 71 -14.77 13.48 -2.86
C GLY A 71 -15.24 13.19 -4.27
N THR A 72 -15.56 14.27 -4.99
CA THR A 72 -16.11 14.18 -6.33
C THR A 72 -15.25 14.83 -7.39
N ASP A 73 -14.11 15.43 -7.01
CA ASP A 73 -13.20 15.97 -8.02
C ASP A 73 -11.78 15.88 -7.41
N TYR A 74 -11.17 14.71 -7.59
CA TYR A 74 -9.89 14.41 -6.96
C TYR A 74 -8.83 15.44 -7.37
N ALA A 75 -8.74 15.74 -8.67
CA ALA A 75 -7.67 16.62 -9.14
C ALA A 75 -7.78 18.02 -8.57
N ALA A 76 -9.00 18.46 -8.21
CA ALA A 76 -9.16 19.78 -7.64
C ALA A 76 -8.77 19.79 -6.16
N ASP A 77 -9.32 18.84 -5.39
CA ASP A 77 -9.01 18.74 -3.98
C ASP A 77 -7.51 18.58 -3.72
N MET A 78 -6.80 17.93 -4.64
CA MET A 78 -5.35 17.80 -4.49
C MET A 78 -4.64 19.13 -4.74
N GLU A 79 -5.11 19.92 -5.70
CA GLU A 79 -4.52 21.24 -5.87
C GLU A 79 -4.88 22.18 -4.73
N ALA A 80 -6.02 21.97 -4.07
CA ALA A 80 -6.33 22.71 -2.86
C ALA A 80 -5.24 22.52 -1.80
N ILE A 81 -4.94 21.25 -1.49
CA ILE A 81 -3.87 20.94 -0.54
C ILE A 81 -2.54 21.54 -0.99
N ALA A 82 -2.25 21.43 -2.29
CA ALA A 82 -0.94 21.83 -2.81
C ALA A 82 -0.63 23.30 -2.57
N GLN A 83 -1.63 24.13 -2.31
CA GLN A 83 -1.39 25.55 -2.10
C GLN A 83 -1.66 26.01 -0.68
N ASP A 84 -2.15 25.14 0.19
CA ASP A 84 -2.26 25.47 1.60
C ASP A 84 -0.88 25.83 2.14
N PRO A 85 -0.67 27.06 2.61
CA PRO A 85 0.70 27.44 3.01
C PRO A 85 1.22 26.63 4.20
N GLU A 86 0.34 26.16 5.08
CA GLU A 86 0.82 25.36 6.20
C GLU A 86 1.25 23.97 5.75
N THR A 87 0.55 23.41 4.76
CA THR A 87 0.95 22.13 4.20
C THR A 87 2.25 22.26 3.43
N ARG A 88 2.46 23.40 2.77
CA ARG A 88 3.71 23.58 2.05
C ARG A 88 4.89 23.70 3.00
N ARG A 89 4.68 24.33 4.17
CA ARG A 89 5.73 24.36 5.18
C ARG A 89 6.02 22.96 5.71
N TRP A 90 4.96 22.17 5.97
CA TRP A 90 5.13 20.79 6.40
C TRP A 90 5.94 19.98 5.38
N TRP A 91 5.69 20.21 4.09
CA TRP A 91 6.41 19.51 3.04
C TRP A 91 7.88 19.93 2.98
N THR A 92 8.26 21.09 3.55
CA THR A 92 9.67 21.43 3.63
C THR A 92 10.41 20.55 4.62
N PHE A 93 9.69 19.89 5.53
CA PHE A 93 10.25 18.92 6.46
C PHE A 93 10.23 17.49 5.90
N CYS A 94 9.10 17.05 5.35
CA CYS A 94 8.97 15.69 4.82
C CYS A 94 9.76 15.51 3.52
N GLY A 95 9.65 16.47 2.60
CA GLY A 95 10.27 16.37 1.30
C GLY A 95 11.73 15.96 1.28
N PRO A 96 12.57 16.62 2.08
CA PRO A 96 13.99 16.23 2.13
C PRO A 96 14.21 14.78 2.56
N CYS A 97 13.25 14.17 3.28
CA CYS A 97 13.35 12.78 3.66
C CYS A 97 13.07 11.82 2.51
N GLN A 98 12.34 12.29 1.50
CA GLN A 98 11.78 11.45 0.45
C GLN A 98 12.64 11.46 -0.81
N GLU A 99 12.43 10.44 -1.63
CA GLU A 99 13.15 10.28 -2.89
C GLU A 99 12.12 9.94 -3.96
N PRO A 100 11.55 10.95 -4.63
CA PRO A 100 10.51 10.70 -5.64
C PRO A 100 11.02 9.76 -6.73
N LEU A 101 10.14 8.88 -7.19
CA LEU A 101 10.54 7.87 -8.15
C LEU A 101 11.01 8.54 -9.43
N ALA A 102 12.17 8.12 -9.91
CA ALA A 102 12.68 8.58 -11.19
C ALA A 102 11.68 8.35 -12.32
N SER A 103 10.79 7.38 -12.17
CA SER A 103 9.84 7.01 -13.21
C SER A 103 8.50 7.75 -13.16
N ARG A 104 8.34 8.73 -12.25
CA ARG A 104 7.03 9.34 -12.09
C ARG A 104 6.70 10.32 -13.21
N GLN A 105 5.42 10.63 -13.33
CA GLN A 105 4.96 11.58 -14.35
C GLN A 105 5.34 13.00 -13.95
N PRO A 106 5.50 13.89 -14.92
CA PRO A 106 5.66 15.32 -14.60
C PRO A 106 4.49 15.82 -13.76
N GLY A 107 4.82 16.49 -12.66
CA GLY A 107 3.81 16.96 -11.73
C GLY A 107 3.56 16.05 -10.54
N GLU A 108 4.12 14.84 -10.55
CA GLU A 108 3.93 13.92 -9.44
C GLU A 108 5.04 14.10 -8.42
N HIS A 109 4.66 13.98 -7.14
CA HIS A 109 5.65 13.76 -6.10
C HIS A 109 5.55 12.29 -5.71
N TRP A 110 4.46 11.93 -5.05
CA TRP A 110 4.11 10.52 -4.91
C TRP A 110 3.63 10.00 -6.26
N ALA A 111 3.99 8.75 -6.56
CA ALA A 111 3.60 8.12 -7.82
C ALA A 111 2.36 7.27 -7.61
N HIS A 112 1.37 7.40 -8.49
CA HIS A 112 0.14 6.67 -8.29
C HIS A 112 0.28 5.22 -8.76
N MET A 113 -0.48 4.34 -8.13
CA MET A 113 -0.47 2.93 -8.46
C MET A 113 -1.85 2.53 -8.99
N GLU A 114 -1.90 1.43 -9.72
CA GLU A 114 -3.14 0.93 -10.30
C GLU A 114 -3.73 -0.17 -9.43
N GLU A 115 -4.99 -0.02 -9.02
CA GLU A 115 -5.66 -1.07 -8.27
C GLU A 115 -5.94 -2.25 -9.20
N VAL A 116 -5.49 -3.44 -8.83
CA VAL A 116 -5.80 -4.65 -9.60
C VAL A 116 -6.69 -5.64 -8.86
N PHE A 117 -7.01 -5.39 -7.59
CA PHE A 117 -7.85 -6.30 -6.83
C PHE A 117 -8.44 -5.59 -5.63
N HIS A 118 -9.72 -5.87 -5.35
CA HIS A 118 -10.31 -5.51 -4.07
C HIS A 118 -11.37 -6.53 -3.66
N VAL A 119 -11.43 -6.81 -2.37
CA VAL A 119 -12.53 -7.54 -1.75
C VAL A 119 -12.86 -6.86 -0.44
N ASP A 120 -14.16 -6.74 -0.14
CA ASP A 120 -14.54 -6.11 1.12
C ASP A 120 -14.34 -7.05 2.31
N GLN B 13 -6.64 -3.45 12.98
CA GLN B 13 -5.23 -3.75 12.72
C GLN B 13 -4.88 -3.75 11.21
N ARG B 14 -4.36 -2.62 10.71
CA ARG B 14 -4.03 -2.49 9.29
C ARG B 14 -2.70 -3.16 8.99
N MET B 15 -2.56 -3.70 7.77
CA MET B 15 -1.31 -4.34 7.39
C MET B 15 -1.00 -4.03 5.93
N GLY B 16 0.26 -3.74 5.67
CA GLY B 16 0.73 -3.45 4.33
C GLY B 16 1.82 -4.44 3.99
N MET B 17 1.81 -4.94 2.76
CA MET B 17 2.77 -5.95 2.36
C MET B 17 3.14 -5.72 0.90
N VAL B 18 4.29 -6.26 0.50
CA VAL B 18 4.90 -5.95 -0.79
C VAL B 18 5.57 -7.18 -1.39
N ILE B 19 5.43 -7.32 -2.71
CA ILE B 19 6.08 -8.39 -3.46
C ILE B 19 6.35 -7.87 -4.86
N GLY B 20 7.33 -8.49 -5.54
CA GLY B 20 7.56 -8.14 -6.92
C GLY B 20 6.63 -8.85 -7.86
N ILE B 21 6.52 -8.34 -9.09
CA ILE B 21 5.78 -9.03 -10.15
C ILE B 21 6.67 -9.12 -11.39
N LYS B 22 6.55 -10.21 -12.13
CA LYS B 22 7.30 -10.35 -13.37
C LYS B 22 6.58 -9.61 -14.49
N PRO B 23 7.23 -8.68 -15.19
CA PRO B 23 6.49 -7.87 -16.17
C PRO B 23 5.81 -8.69 -17.26
N GLU B 24 6.40 -9.80 -17.67
CA GLU B 24 5.79 -10.65 -18.68
C GLU B 24 4.53 -11.36 -18.18
N HIS B 25 4.25 -11.37 -16.87
CA HIS B 25 3.06 -12.01 -16.33
C HIS B 25 2.07 -11.00 -15.76
N ILE B 26 2.25 -9.71 -16.03
CA ILE B 26 1.36 -8.71 -15.44
C ILE B 26 -0.07 -8.88 -15.96
N ASP B 27 -0.23 -9.10 -17.26
CA ASP B 27 -1.58 -9.21 -17.81
C ASP B 27 -2.29 -10.46 -17.28
N GLU B 28 -1.54 -11.56 -17.14
CA GLU B 28 -2.13 -12.77 -16.59
C GLU B 28 -2.54 -12.57 -15.13
N TYR B 29 -1.71 -11.87 -14.36
CA TYR B 29 -2.05 -11.59 -12.96
C TYR B 29 -3.31 -10.75 -12.85
N LYS B 30 -3.42 -9.71 -13.69
CA LYS B 30 -4.62 -8.88 -13.69
C LYS B 30 -5.85 -9.70 -14.06
N ARG B 31 -5.73 -10.58 -15.07
CA ARG B 31 -6.84 -11.42 -15.49
C ARG B 31 -7.29 -12.33 -14.37
N LEU B 32 -6.34 -13.00 -13.71
CA LEU B 32 -6.68 -13.84 -12.57
C LEU B 32 -7.45 -13.05 -11.51
N HIS B 33 -7.01 -11.83 -11.22
CA HIS B 33 -7.63 -11.08 -10.13
C HIS B 33 -8.90 -10.37 -10.55
N ALA B 34 -9.28 -10.42 -11.83
CA ALA B 34 -10.60 -9.95 -12.20
C ALA B 34 -11.70 -10.90 -11.75
N ALA B 35 -11.35 -12.13 -11.31
CA ALA B 35 -12.36 -13.11 -10.89
C ALA B 35 -11.68 -14.09 -9.93
N VAL B 36 -11.33 -13.59 -8.73
CA VAL B 36 -10.66 -14.44 -7.74
C VAL B 36 -11.61 -15.54 -7.26
N TRP B 37 -11.10 -16.75 -7.14
CA TRP B 37 -11.93 -17.92 -6.88
C TRP B 37 -12.75 -17.72 -5.61
N PRO B 38 -14.07 -17.98 -5.63
CA PRO B 38 -14.88 -17.75 -4.43
C PRO B 38 -14.39 -18.49 -3.19
N ALA B 39 -13.82 -19.69 -3.34
CA ALA B 39 -13.29 -20.39 -2.17
C ALA B 39 -12.09 -19.67 -1.57
N VAL B 40 -11.28 -19.02 -2.42
CA VAL B 40 -10.15 -18.24 -1.91
C VAL B 40 -10.65 -17.05 -1.10
N LEU B 41 -11.63 -16.32 -1.63
CA LEU B 41 -12.17 -15.18 -0.88
C LEU B 41 -12.89 -15.63 0.39
N ALA B 42 -13.52 -16.80 0.37
CA ALA B 42 -14.20 -17.29 1.57
C ALA B 42 -13.21 -17.59 2.68
N ARG B 43 -12.10 -18.24 2.34
CA ARG B 43 -11.07 -18.51 3.34
C ARG B 43 -10.47 -17.23 3.89
N LEU B 44 -10.34 -16.19 3.06
CA LEU B 44 -9.83 -14.91 3.55
C LEU B 44 -10.83 -14.25 4.49
N ALA B 45 -12.11 -14.26 4.16
CA ALA B 45 -13.10 -13.68 5.05
C ALA B 45 -13.18 -14.45 6.37
N GLU B 46 -13.00 -15.76 6.34
CA GLU B 46 -13.07 -16.56 7.56
C GLU B 46 -11.82 -16.41 8.42
N ALA B 47 -10.72 -15.92 7.84
CA ALA B 47 -9.54 -15.56 8.62
C ALA B 47 -9.57 -14.10 9.08
N HIS B 48 -10.73 -13.44 8.95
CA HIS B 48 -10.96 -12.09 9.49
C HIS B 48 -10.21 -11.02 8.73
N VAL B 49 -9.88 -11.29 7.47
CA VAL B 49 -9.28 -10.30 6.57
C VAL B 49 -10.41 -9.54 5.88
N ARG B 50 -10.40 -8.21 5.99
CA ARG B 50 -11.40 -7.36 5.36
C ARG B 50 -10.73 -6.19 4.66
N ASN B 51 -11.49 -5.53 3.78
CA ASN B 51 -11.07 -4.33 3.06
C ASN B 51 -9.68 -4.49 2.45
N TYR B 52 -9.54 -5.52 1.60
CA TYR B 52 -8.25 -5.98 1.10
C TYR B 52 -8.09 -5.53 -0.35
N SER B 53 -7.05 -4.72 -0.62
CA SER B 53 -6.77 -4.29 -1.98
C SER B 53 -5.33 -4.62 -2.34
N ILE B 54 -5.10 -4.81 -3.64
CA ILE B 54 -3.76 -4.95 -4.18
C ILE B 54 -3.56 -3.92 -5.28
N PHE B 55 -2.45 -3.20 -5.21
CA PHE B 55 -2.06 -2.16 -6.15
C PHE B 55 -0.79 -2.58 -6.88
N LEU B 56 -0.70 -2.15 -8.15
CA LEU B 56 0.43 -2.45 -9.00
C LEU B 56 1.15 -1.18 -9.41
N ARG B 57 2.48 -1.17 -9.29
CA ARG B 57 3.29 -0.07 -9.79
C ARG B 57 4.15 -0.57 -10.95
N GLU B 58 3.89 -0.02 -12.13
CA GLU B 58 4.82 -0.06 -13.25
C GLU B 58 5.47 1.31 -13.40
N PRO B 59 6.76 1.39 -13.71
CA PRO B 59 7.58 0.27 -14.16
C PRO B 59 8.41 -0.44 -13.10
N GLU B 60 8.24 -0.07 -11.81
CA GLU B 60 9.05 -0.72 -10.80
C GLU B 60 8.64 -2.16 -10.56
N ASN B 61 7.47 -2.58 -11.04
CA ASN B 61 7.01 -3.97 -10.97
C ASN B 61 6.91 -4.45 -9.52
N LEU B 62 6.13 -3.69 -8.76
CA LEU B 62 5.87 -3.95 -7.35
C LEU B 62 4.37 -4.05 -7.14
N LEU B 63 3.97 -4.99 -6.29
CA LEU B 63 2.59 -5.13 -5.84
C LEU B 63 2.53 -4.74 -4.37
N PHE B 64 1.56 -3.91 -4.02
CA PHE B 64 1.34 -3.51 -2.65
CA PHE B 64 1.33 -3.47 -2.66
C PHE B 64 -0.03 -3.98 -2.22
N GLY B 65 -0.06 -4.78 -1.16
CA GLY B 65 -1.29 -5.26 -0.57
C GLY B 65 -1.59 -4.50 0.71
N TYR B 66 -2.86 -4.14 0.88
CA TYR B 66 -3.35 -3.52 2.09
C TYR B 66 -4.59 -4.28 2.56
N TRP B 67 -4.65 -4.60 3.86
CA TRP B 67 -5.89 -5.15 4.42
C TRP B 67 -6.01 -4.78 5.89
N GLU B 68 -7.23 -4.95 6.40
CA GLU B 68 -7.55 -4.71 7.79
C GLU B 68 -7.96 -6.04 8.41
N TYR B 69 -7.23 -6.46 9.43
CA TYR B 69 -7.36 -7.79 10.02
C TYR B 69 -8.06 -7.67 11.37
N HIS B 70 -9.31 -8.17 11.45
CA HIS B 70 -10.12 -8.11 12.65
C HIS B 70 -9.99 -9.35 13.53
N GLY B 71 -8.95 -10.16 13.32
CA GLY B 71 -8.80 -11.39 14.07
C GLY B 71 -7.98 -11.22 15.33
N THR B 72 -7.74 -12.34 16.00
CA THR B 72 -7.15 -12.35 17.33
C THR B 72 -5.75 -12.93 17.37
N ASP B 73 -5.44 -13.91 16.50
CA ASP B 73 -4.11 -14.49 16.43
C ASP B 73 -3.72 -14.52 14.94
N TYR B 74 -3.04 -13.47 14.49
CA TYR B 74 -2.72 -13.31 13.07
C TYR B 74 -1.92 -14.51 12.56
N ALA B 75 -0.90 -14.94 13.30
CA ALA B 75 -0.04 -16.01 12.82
C ALA B 75 -0.79 -17.33 12.67
N ALA B 76 -1.88 -17.52 13.41
CA ALA B 76 -2.67 -18.74 13.26
C ALA B 76 -3.58 -18.66 12.04
N ASP B 77 -4.32 -17.55 11.92
CA ASP B 77 -5.23 -17.37 10.78
C ASP B 77 -4.47 -17.43 9.45
N MET B 78 -3.24 -16.91 9.43
CA MET B 78 -2.43 -17.01 8.22
C MET B 78 -2.01 -18.45 7.94
N GLU B 79 -1.75 -19.22 9.01
CA GLU B 79 -1.40 -20.63 8.81
C GLU B 79 -2.61 -21.43 8.33
N ALA B 80 -3.80 -21.10 8.82
CA ALA B 80 -5.01 -21.75 8.32
C ALA B 80 -5.12 -21.61 6.80
N ILE B 81 -5.00 -20.38 6.31
CA ILE B 81 -5.06 -20.11 4.88
C ILE B 81 -4.03 -20.93 4.13
N ALA B 82 -2.79 -20.95 4.64
CA ALA B 82 -1.67 -21.54 3.94
C ALA B 82 -1.82 -23.04 3.74
N GLN B 83 -2.72 -23.71 4.46
CA GLN B 83 -2.94 -25.13 4.28
C GLN B 83 -4.23 -25.47 3.56
N ASP B 84 -5.12 -24.50 3.35
CA ASP B 84 -6.33 -24.70 2.57
C ASP B 84 -5.97 -25.27 1.19
N PRO B 85 -6.51 -26.44 0.82
CA PRO B 85 -6.10 -27.02 -0.48
C PRO B 85 -6.50 -26.17 -1.67
N GLU B 86 -7.63 -25.47 -1.60
CA GLU B 86 -8.07 -24.67 -2.75
C GLU B 86 -7.23 -23.42 -2.90
N THR B 87 -6.79 -22.85 -1.77
CA THR B 87 -5.92 -21.68 -1.82
C THR B 87 -4.53 -22.06 -2.33
N ARG B 88 -4.05 -23.25 -1.99
CA ARG B 88 -2.76 -23.67 -2.50
C ARG B 88 -2.81 -23.89 -4.01
N ARG B 89 -3.94 -24.39 -4.53
CA ARG B 89 -4.06 -24.52 -5.97
C ARG B 89 -4.06 -23.15 -6.65
N TRP B 90 -4.80 -22.20 -6.06
CA TRP B 90 -4.81 -20.82 -6.55
C TRP B 90 -3.42 -20.21 -6.58
N TRP B 91 -2.61 -20.50 -5.55
CA TRP B 91 -1.25 -19.98 -5.52
C TRP B 91 -0.35 -20.62 -6.56
N THR B 92 -0.75 -21.78 -7.14
CA THR B 92 0.02 -22.31 -8.26
C THR B 92 -0.17 -21.47 -9.52
N PHE B 93 -1.24 -20.66 -9.58
CA PHE B 93 -1.46 -19.71 -10.67
C PHE B 93 -0.83 -18.34 -10.38
N CYS B 94 -1.04 -17.78 -9.18
CA CYS B 94 -0.50 -16.46 -8.86
C CYS B 94 1.01 -16.48 -8.68
N GLY B 95 1.53 -17.48 -7.96
CA GLY B 95 2.94 -17.55 -7.63
C GLY B 95 3.90 -17.35 -8.79
N PRO B 96 3.72 -18.10 -9.89
CA PRO B 96 4.60 -17.92 -11.05
C PRO B 96 4.60 -16.50 -11.61
N CYS B 97 3.57 -15.70 -11.33
CA CYS B 97 3.54 -14.31 -11.75
C CYS B 97 4.38 -13.41 -10.86
N GLN B 98 4.63 -13.85 -9.62
CA GLN B 98 5.22 -13.00 -8.60
C GLN B 98 6.72 -13.22 -8.49
N GLU B 99 7.38 -12.25 -7.86
CA GLU B 99 8.82 -12.29 -7.63
C GLU B 99 9.07 -11.87 -6.19
N PRO B 100 9.12 -12.83 -5.26
CA PRO B 100 9.28 -12.49 -3.84
C PRO B 100 10.58 -11.73 -3.61
N LEU B 101 10.51 -10.73 -2.74
CA LEU B 101 11.65 -9.86 -2.49
C LEU B 101 12.83 -10.69 -2.00
N ALA B 102 13.99 -10.49 -2.64
CA ALA B 102 15.22 -11.12 -2.17
C ALA B 102 15.50 -10.83 -0.71
N SER B 103 15.00 -9.71 -0.18
CA SER B 103 15.27 -9.26 1.18
C SER B 103 14.30 -9.80 2.24
N ARG B 104 13.36 -10.67 1.86
CA ARG B 104 12.33 -11.08 2.81
C ARG B 104 12.86 -12.09 3.84
N GLN B 105 12.13 -12.23 4.93
CA GLN B 105 12.49 -13.16 5.99
C GLN B 105 12.19 -14.59 5.56
N PRO B 106 12.90 -15.57 6.12
CA PRO B 106 12.56 -16.97 5.86
C PRO B 106 11.11 -17.24 6.25
N GLY B 107 10.37 -17.87 5.35
CA GLY B 107 8.97 -18.13 5.56
C GLY B 107 8.02 -17.12 4.95
N GLU B 108 8.51 -15.99 4.48
CA GLU B 108 7.66 -14.98 3.87
C GLU B 108 7.51 -15.24 2.39
N HIS B 109 6.31 -15.00 1.87
CA HIS B 109 6.15 -14.83 0.44
C HIS B 109 6.01 -13.33 0.18
N TRP B 110 4.88 -12.77 0.57
CA TRP B 110 4.78 -11.32 0.66
C TRP B 110 5.61 -10.83 1.82
N ALA B 111 6.24 -9.68 1.67
CA ALA B 111 7.09 -9.09 2.71
C ALA B 111 6.30 -8.05 3.49
N HIS B 112 6.36 -8.11 4.81
CA HIS B 112 5.54 -7.18 5.59
C HIS B 112 6.20 -5.80 5.67
N MET B 113 5.37 -4.78 5.77
CA MET B 113 5.82 -3.41 5.90
C MET B 113 5.44 -2.89 7.28
N GLU B 114 6.12 -1.82 7.71
CA GLU B 114 5.86 -1.18 8.99
C GLU B 114 4.99 0.05 8.80
N GLU B 115 3.87 0.12 9.52
CA GLU B 115 3.05 1.32 9.50
C GLU B 115 3.77 2.45 10.22
N VAL B 116 3.94 3.60 9.56
CA VAL B 116 4.54 4.77 10.20
C VAL B 116 3.57 5.93 10.36
N PHE B 117 2.35 5.82 9.84
CA PHE B 117 1.38 6.90 9.96
C PHE B 117 -0.02 6.37 9.70
N HIS B 118 -0.98 6.83 10.50
CA HIS B 118 -2.39 6.65 10.16
C HIS B 118 -3.21 7.84 10.63
N VAL B 119 -4.18 8.24 9.83
CA VAL B 119 -5.25 9.14 10.26
C VAL B 119 -6.56 8.57 9.76
N ASP B 120 -7.62 8.71 10.56
CA ASP B 120 -8.94 8.26 10.13
C ASP B 120 -9.58 9.25 9.16
C2 1PG C . 10.72 18.54 -1.57
C1 1PG C . 12.97 18.57 -0.83
O1 1PG C . 11.66 19.03 -0.65
O2 1PG C . 8.29 18.31 -1.61
C3 1PG C . 9.35 19.19 -1.30
C4 1PG C . 7.44 18.75 -2.62
C5 1PG C . 6.02 18.36 -2.23
O3 1PG C . 5.15 18.46 -3.33
C6 1PG C . 3.96 17.72 -3.18
C7 1PG C . 3.29 17.61 -4.55
O4 1PG C . 2.12 18.38 -4.59
C8 1PG C . 1.15 17.84 -5.43
C9 1PG C . -0.25 18.17 -4.91
O5 1PG C . -0.45 17.58 -3.64
C10 1PG C . -1.76 17.17 -3.44
C11 1PG C . -1.94 16.63 -2.02
O6 1PG C . -1.31 15.38 -1.91
C1 FUC D . 3.88 13.30 4.32
C2 FUC D . 3.54 13.84 2.93
C3 FUC D . 2.15 13.55 2.49
C4 FUC D . 1.13 13.90 3.54
C5 FUC D . 1.42 13.19 4.85
C6 FUC D . 0.49 13.66 5.92
O1 FUC D . 4.12 11.96 4.33
O2 FUC D . 4.44 13.37 1.90
O3 FUC D . 1.92 14.32 1.28
O4 FUC D . 1.16 15.33 3.74
O5 FUC D . 2.78 13.53 5.32
C2 1PG E . 5.31 -20.80 -6.69
C1 1PG E . 6.48 -20.43 -8.73
O1 1PG E . 5.39 -20.08 -7.90
O2 1PG E . 3.94 -20.26 -4.79
C3 1PG E . 5.05 -19.83 -5.54
C4 1PG E . 3.39 -19.29 -3.95
C5 1PG E . 3.98 -19.38 -2.55
O3 1PG E . 2.99 -19.09 -1.61
C6 1PG E . 3.36 -19.29 -0.29
C7 1PG E . 2.46 -18.49 0.65
O4 1PG E . 3.01 -18.51 1.93
C8 1PG E . 2.15 -18.98 2.93
C9 1PG E . 1.47 -17.79 3.62
O5 1PG E . 0.24 -18.19 4.17
C10 1PG E . -0.65 -17.16 4.47
C11 1PG E . -0.84 -16.22 3.28
O6 1PG E . -1.86 -15.31 3.57
C1 FUC F . -2.91 -13.40 -4.80
C2 FUC F . -2.11 -13.97 -3.63
C3 FUC F . -2.58 -13.49 -2.30
C4 FUC F . -4.06 -13.64 -2.13
C5 FUC F . -4.81 -12.88 -3.23
C6 FUC F . -6.28 -13.15 -3.11
O1 FUC F . -2.57 -12.12 -5.12
O2 FUC F . -0.70 -13.66 -3.75
O3 FUC F . -1.88 -14.31 -1.33
O4 FUC F . -4.41 -15.03 -2.19
O5 FUC F . -4.40 -13.38 -4.55
#